data_6CCQ
#
_entry.id   6CCQ
#
_cell.length_a   134.972
_cell.length_b   134.972
_cell.length_c   134.972
_cell.angle_alpha   90.000
_cell.angle_beta   90.000
_cell.angle_gamma   90.000
#
_symmetry.space_group_name_H-M   'I 2 3'
#
loop_
_entity.id
_entity.type
_entity.pdbx_description
1 polymer 'Phosphopantetheine adenylyltransferase'
2 non-polymer 2-[2-(3-chlorophenyl)ethyl]-1H-benzimidazol-7-ol
3 non-polymer 'SULFATE ION'
4 water water
#
_entity_poly.entity_id   1
_entity_poly.type   'polypeptide(L)'
_entity_poly.pdbx_seq_one_letter_code
;MQKRAIYPGTFDPITNGHIDIVTRATQMFDHVILAIAASPSKKPMFTLEERVALAQQATAHLGNVEVVGFSDLMANFARN
QHATVLIRGLRAVADFEYEMQLAHMNRHLMPELESVFLMPSKEWSFISSSLVKEVARHQGDVTHFLPENVHQALMAKLAV
D
;
_entity_poly.pdbx_strand_id   A,B
#
loop_
_chem_comp.id
_chem_comp.type
_chem_comp.name
_chem_comp.formula
EX7 non-polymer 2-[2-(3-chlorophenyl)ethyl]-1H-benzimidazol-7-ol 'C15 H13 Cl N2 O'
SO4 non-polymer 'SULFATE ION' 'O4 S -2'
#
# COMPACT_ATOMS: atom_id res chain seq x y z
N LYS A 3 0.38 16.11 -6.90
CA LYS A 3 0.35 15.01 -5.92
C LYS A 3 1.72 14.78 -5.22
N ARG A 4 1.78 15.09 -3.91
CA ARG A 4 3.01 14.99 -3.12
C ARG A 4 3.00 13.86 -2.08
N ALA A 5 4.03 12.99 -2.16
CA ALA A 5 4.18 11.85 -1.26
C ALA A 5 5.44 12.00 -0.43
N ILE A 6 5.36 11.59 0.82
CA ILE A 6 6.51 11.58 1.72
C ILE A 6 6.90 10.12 2.00
N TYR A 7 8.19 9.83 1.99
CA TYR A 7 8.71 8.49 2.30
C TYR A 7 9.62 8.71 3.51
N PRO A 8 9.06 8.56 4.73
CA PRO A 8 9.86 8.82 5.93
C PRO A 8 10.56 7.59 6.48
N GLY A 9 11.66 7.81 7.17
CA GLY A 9 12.39 6.71 7.79
C GLY A 9 13.65 7.20 8.45
N THR A 10 14.37 6.29 9.10
CA THR A 10 15.63 6.63 9.77
C THR A 10 16.78 6.64 8.75
N PHE A 11 16.72 5.73 7.75
CA PHE A 11 17.68 5.63 6.65
C PHE A 11 19.12 5.73 7.17
N ASP A 12 19.45 4.81 8.08
CA ASP A 12 20.71 4.74 8.78
C ASP A 12 21.55 3.50 8.47
N PRO A 13 22.19 3.39 7.28
CA PRO A 13 22.13 4.31 6.14
C PRO A 13 21.05 3.87 5.14
N ILE A 14 20.82 4.67 4.12
CA ILE A 14 19.90 4.32 3.02
C ILE A 14 20.50 3.07 2.30
N THR A 15 19.66 2.08 1.98
CA THR A 15 20.09 0.85 1.33
C THR A 15 19.49 0.76 -0.07
N ASN A 16 19.86 -0.29 -0.84
CA ASN A 16 19.25 -0.54 -2.15
C ASN A 16 17.76 -0.84 -2.01
N GLY A 17 17.34 -1.36 -0.84
CA GLY A 17 15.92 -1.63 -0.55
C GLY A 17 15.13 -0.34 -0.51
N HIS A 18 15.69 0.67 0.15
CA HIS A 18 15.11 2.01 0.22
C HIS A 18 15.06 2.67 -1.16
N ILE A 19 16.12 2.46 -1.97
CA ILE A 19 16.19 3.02 -3.32
C ILE A 19 15.09 2.43 -4.17
N ASP A 20 14.90 1.11 -4.03
CA ASP A 20 13.87 0.40 -4.76
C ASP A 20 12.48 1.02 -4.45
N ILE A 21 12.17 1.24 -3.16
CA ILE A 21 10.88 1.81 -2.75
C ILE A 21 10.66 3.25 -3.27
N VAL A 22 11.68 4.13 -3.07
CA VAL A 22 11.55 5.52 -3.51
C VAL A 22 11.40 5.59 -5.04
N THR A 23 12.12 4.71 -5.81
CA THR A 23 12.00 4.66 -7.27
C THR A 23 10.55 4.31 -7.64
N ARG A 24 9.98 3.29 -6.98
CA ARG A 24 8.57 2.87 -7.23
C ARG A 24 7.61 4.03 -6.91
N ALA A 25 7.88 4.76 -5.83
CA ALA A 25 7.08 5.90 -5.40
C ALA A 25 7.07 7.02 -6.46
N THR A 26 8.23 7.27 -7.13
CA THR A 26 8.36 8.32 -8.16
C THR A 26 7.63 7.98 -9.45
N GLN A 27 7.39 6.67 -9.69
CA GLN A 27 6.67 6.20 -10.87
C GLN A 27 5.16 6.37 -10.66
N MET A 28 4.77 6.59 -9.41
CA MET A 28 3.36 6.73 -9.05
C MET A 28 2.94 8.16 -8.73
N PHE A 29 3.82 8.93 -8.07
CA PHE A 29 3.51 10.28 -7.60
C PHE A 29 4.44 11.33 -8.21
N ASP A 30 3.90 12.52 -8.48
CA ASP A 30 4.58 13.66 -9.11
C ASP A 30 5.82 14.13 -8.36
N HIS A 31 5.73 14.22 -7.02
CA HIS A 31 6.83 14.68 -6.17
C HIS A 31 6.92 13.79 -4.95
N VAL A 32 8.13 13.31 -4.67
CA VAL A 32 8.41 12.43 -3.55
C VAL A 32 9.44 13.11 -2.67
N ILE A 33 9.08 13.28 -1.41
CA ILE A 33 9.98 13.80 -0.39
C ILE A 33 10.52 12.59 0.36
N LEU A 34 11.83 12.35 0.29
CA LEU A 34 12.45 11.27 1.08
C LEU A 34 12.83 12.00 2.38
N ALA A 35 12.17 11.65 3.48
CA ALA A 35 12.26 12.38 4.73
C ALA A 35 12.96 11.58 5.78
N ILE A 36 14.12 12.08 6.19
CA ILE A 36 14.97 11.39 7.15
C ILE A 36 14.74 11.89 8.56
N ALA A 37 14.21 11.01 9.40
CA ALA A 37 13.96 11.32 10.81
C ALA A 37 15.28 11.34 11.60
N ALA A 38 15.44 12.31 12.50
CA ALA A 38 16.66 12.41 13.34
C ALA A 38 16.85 11.13 14.14
N SER A 39 15.73 10.57 14.69
CA SER A 39 15.67 9.30 15.44
C SER A 39 16.76 9.13 16.54
N PRO A 40 16.97 10.11 17.45
CA PRO A 40 17.99 9.90 18.52
C PRO A 40 17.76 8.66 19.39
N SER A 41 16.48 8.28 19.66
CA SER A 41 16.17 7.08 20.48
C SER A 41 16.81 5.80 19.91
N LYS A 42 17.00 5.75 18.58
CA LYS A 42 17.60 4.61 17.89
C LYS A 42 19.13 4.66 17.90
N LYS A 43 19.73 5.77 18.41
CA LYS A 43 21.18 6.01 18.49
C LYS A 43 21.82 5.67 17.13
N PRO A 44 21.50 6.45 16.07
CA PRO A 44 21.99 6.11 14.71
C PRO A 44 23.49 6.19 14.56
N MET A 45 24.02 5.33 13.68
CA MET A 45 25.43 5.24 13.33
C MET A 45 25.85 6.54 12.65
N PHE A 46 25.02 7.04 11.74
CA PHE A 46 25.30 8.26 10.98
C PHE A 46 24.50 9.41 11.51
N THR A 47 25.10 10.63 11.54
CA THR A 47 24.38 11.84 11.94
C THR A 47 23.29 12.10 10.89
N LEU A 48 22.31 12.93 11.24
CA LEU A 48 21.24 13.33 10.34
C LEU A 48 21.81 13.96 9.06
N GLU A 49 22.81 14.87 9.21
CA GLU A 49 23.48 15.57 8.12
C GLU A 49 24.17 14.58 7.19
N GLU A 50 24.86 13.57 7.74
CA GLU A 50 25.50 12.51 6.93
C GLU A 50 24.43 11.71 6.17
N ARG A 51 23.36 11.25 6.86
CA ARG A 51 22.25 10.46 6.26
C ARG A 51 21.55 11.21 5.13
N VAL A 52 21.34 12.52 5.30
CA VAL A 52 20.75 13.41 4.28
C VAL A 52 21.69 13.48 3.06
N ALA A 53 23.01 13.75 3.29
CA ALA A 53 24.01 13.82 2.22
C ALA A 53 24.10 12.49 1.46
N LEU A 54 24.09 11.35 2.18
CA LEU A 54 24.16 10.03 1.54
C LEU A 54 22.95 9.77 0.66
N ALA A 55 21.74 10.07 1.18
CA ALA A 55 20.49 9.89 0.45
C ALA A 55 20.38 10.82 -0.75
N GLN A 56 20.80 12.11 -0.61
CA GLN A 56 20.83 13.09 -1.70
C GLN A 56 21.67 12.55 -2.86
N GLN A 57 22.92 12.11 -2.56
CA GLN A 57 23.84 11.53 -3.55
C GLN A 57 23.24 10.29 -4.18
N ALA A 58 22.67 9.37 -3.35
CA ALA A 58 22.08 8.12 -3.84
C ALA A 58 20.81 8.30 -4.70
N THR A 59 20.09 9.41 -4.56
CA THR A 59 18.84 9.62 -5.31
C THR A 59 18.91 10.71 -6.40
N ALA A 60 20.10 11.34 -6.57
CA ALA A 60 20.31 12.42 -7.55
C ALA A 60 19.86 12.07 -8.99
N HIS A 61 19.92 10.78 -9.38
CA HIS A 61 19.48 10.30 -10.70
C HIS A 61 17.96 10.37 -10.88
N LEU A 62 17.20 10.39 -9.76
CA LEU A 62 15.74 10.49 -9.75
C LEU A 62 15.37 11.97 -9.57
N GLY A 63 14.92 12.57 -10.66
CA GLY A 63 14.59 13.99 -10.71
C GLY A 63 13.49 14.50 -9.79
N ASN A 64 12.52 13.62 -9.42
CA ASN A 64 11.40 14.07 -8.61
C ASN A 64 11.48 13.61 -7.12
N VAL A 65 12.71 13.40 -6.62
CA VAL A 65 12.98 13.07 -5.23
C VAL A 65 13.64 14.30 -4.57
N GLU A 66 13.09 14.73 -3.43
CA GLU A 66 13.67 15.81 -2.63
C GLU A 66 14.06 15.16 -1.29
N VAL A 67 15.33 15.28 -0.87
CA VAL A 67 15.75 14.68 0.39
C VAL A 67 15.77 15.75 1.47
N VAL A 68 15.11 15.50 2.59
CA VAL A 68 15.06 16.49 3.69
C VAL A 68 15.20 15.75 5.04
N GLY A 69 15.74 16.41 6.03
CA GLY A 69 15.85 15.84 7.37
C GLY A 69 14.77 16.45 8.24
N PHE A 70 14.36 15.76 9.33
CA PHE A 70 13.35 16.34 10.22
C PHE A 70 13.45 15.74 11.62
N SER A 71 13.11 16.53 12.65
CA SER A 71 13.10 16.05 14.04
C SER A 71 11.66 16.15 14.60
N ASP A 72 10.75 16.66 13.79
CA ASP A 72 9.34 16.90 14.13
C ASP A 72 8.55 15.61 14.20
N LEU A 73 7.30 15.71 14.64
CA LEU A 73 6.34 14.61 14.58
C LEU A 73 6.15 14.43 13.05
N MET A 74 6.25 13.17 12.56
N MET A 74 6.28 13.19 12.59
CA MET A 74 6.13 12.77 11.15
CA MET A 74 6.18 12.88 11.17
C MET A 74 4.86 13.33 10.46
C MET A 74 4.88 13.49 10.53
N ALA A 75 3.71 13.28 11.15
CA ALA A 75 2.42 13.81 10.67
C ALA A 75 2.46 15.33 10.47
N ASN A 76 3.09 16.06 11.42
CA ASN A 76 3.26 17.52 11.32
C ASN A 76 4.16 17.86 10.14
N PHE A 77 5.27 17.13 9.99
CA PHE A 77 6.18 17.33 8.87
C PHE A 77 5.49 17.08 7.51
N ALA A 78 4.66 16.02 7.41
CA ALA A 78 3.90 15.70 6.18
C ALA A 78 2.93 16.85 5.87
N ARG A 79 2.18 17.33 6.90
CA ARG A 79 1.28 18.47 6.72
C ARG A 79 2.05 19.69 6.22
N ASN A 80 3.23 19.94 6.82
CA ASN A 80 4.07 21.09 6.48
C ASN A 80 4.75 20.97 5.11
N GLN A 81 4.81 19.75 4.56
CA GLN A 81 5.34 19.50 3.21
C GLN A 81 4.21 19.46 2.17
N HIS A 82 2.96 19.70 2.60
CA HIS A 82 1.74 19.60 1.76
C HIS A 82 1.61 18.17 1.16
N ALA A 83 2.03 17.15 1.89
CA ALA A 83 1.97 15.75 1.42
C ALA A 83 0.63 15.15 1.81
N THR A 84 0.05 14.27 0.97
CA THR A 84 -1.24 13.61 1.22
C THR A 84 -1.09 12.13 1.13
N VAL A 85 0.14 11.70 0.85
CA VAL A 85 0.50 10.29 0.74
C VAL A 85 1.74 10.06 1.56
N LEU A 86 1.71 8.99 2.36
CA LEU A 86 2.79 8.54 3.22
C LEU A 86 3.21 7.16 2.72
N ILE A 87 4.41 7.05 2.17
CA ILE A 87 4.91 5.77 1.64
C ILE A 87 5.69 5.02 2.71
N ARG A 88 5.46 3.71 2.82
CA ARG A 88 6.28 2.81 3.63
C ARG A 88 6.47 1.51 2.84
N GLY A 89 7.65 0.93 2.96
CA GLY A 89 7.96 -0.34 2.30
C GLY A 89 7.50 -1.46 3.19
N LEU A 90 6.94 -2.53 2.62
CA LEU A 90 6.48 -3.68 3.39
C LEU A 90 7.25 -4.94 3.05
N ARG A 91 8.22 -5.29 3.92
CA ARG A 91 9.09 -6.46 3.76
C ARG A 91 8.44 -7.78 4.23
N ALA A 92 8.02 -7.82 5.53
CA ALA A 92 7.47 -9.04 6.15
C ALA A 92 6.35 -8.77 7.20
N VAL A 93 5.77 -9.87 7.75
CA VAL A 93 4.68 -9.88 8.75
C VAL A 93 4.99 -9.05 10.01
N ALA A 94 6.17 -9.27 10.64
CA ALA A 94 6.61 -8.57 11.86
C ALA A 94 6.65 -7.06 11.68
N ASP A 95 7.07 -6.59 10.49
CA ASP A 95 7.12 -5.16 10.14
C ASP A 95 5.70 -4.63 9.99
N PHE A 96 4.84 -5.36 9.22
CA PHE A 96 3.44 -5.07 8.91
C PHE A 96 2.61 -4.66 10.13
N GLU A 97 2.76 -5.37 11.26
CA GLU A 97 2.01 -5.09 12.49
C GLU A 97 2.39 -3.76 13.13
N TYR A 98 3.70 -3.45 13.22
CA TYR A 98 4.16 -2.16 13.75
C TYR A 98 3.76 -1.04 12.77
N GLU A 99 3.78 -1.34 11.45
CA GLU A 99 3.41 -0.40 10.38
C GLU A 99 1.94 0.00 10.51
N MET A 100 1.07 -0.94 10.92
N MET A 100 1.07 -0.95 10.91
CA MET A 100 -0.36 -0.68 11.13
CA MET A 100 -0.36 -0.70 11.13
C MET A 100 -0.60 0.27 12.29
C MET A 100 -0.58 0.29 12.27
N GLN A 101 0.18 0.12 13.38
CA GLN A 101 0.08 0.98 14.57
C GLN A 101 0.45 2.41 14.22
N LEU A 102 1.59 2.57 13.53
CA LEU A 102 2.11 3.84 13.09
C LEU A 102 1.10 4.48 12.13
N ALA A 103 0.59 3.72 11.13
CA ALA A 103 -0.36 4.26 10.16
C ALA A 103 -1.69 4.68 10.84
N HIS A 104 -2.19 3.90 11.81
CA HIS A 104 -3.42 4.30 12.52
C HIS A 104 -3.21 5.53 13.39
N MET A 105 -1.99 5.67 13.96
CA MET A 105 -1.66 6.86 14.75
C MET A 105 -1.57 8.05 13.83
N ASN A 106 -0.84 7.92 12.71
CA ASN A 106 -0.71 8.98 11.73
C ASN A 106 -2.05 9.45 11.20
N ARG A 107 -3.00 8.50 11.01
CA ARG A 107 -4.35 8.81 10.54
C ARG A 107 -5.11 9.61 11.61
N HIS A 108 -4.91 9.26 12.89
CA HIS A 108 -5.52 10.00 14.00
C HIS A 108 -4.97 11.46 14.02
N LEU A 109 -3.66 11.62 13.78
CA LEU A 109 -2.99 12.92 13.80
C LEU A 109 -3.27 13.76 12.55
N MET A 110 -3.42 13.10 11.38
CA MET A 110 -3.67 13.78 10.09
C MET A 110 -4.55 12.84 9.22
N PRO A 111 -5.89 12.91 9.38
CA PRO A 111 -6.78 11.99 8.63
C PRO A 111 -6.62 11.98 7.11
N GLU A 112 -6.24 13.12 6.51
CA GLU A 112 -6.10 13.23 5.06
C GLU A 112 -4.74 12.70 4.52
N LEU A 113 -3.81 12.32 5.41
CA LEU A 113 -2.54 11.77 4.97
C LEU A 113 -2.76 10.27 4.82
N GLU A 114 -2.74 9.79 3.59
CA GLU A 114 -3.04 8.39 3.34
C GLU A 114 -1.76 7.55 3.34
N SER A 115 -1.66 6.54 4.25
CA SER A 115 -0.50 5.66 4.28
C SER A 115 -0.66 4.64 3.15
N VAL A 116 0.39 4.44 2.38
CA VAL A 116 0.37 3.45 1.30
C VAL A 116 1.61 2.60 1.45
N PHE A 117 1.44 1.30 1.30
CA PHE A 117 2.56 0.39 1.39
C PHE A 117 2.94 -0.14 0.04
N LEU A 118 4.25 -0.16 -0.21
CA LEU A 118 4.81 -0.67 -1.45
C LEU A 118 5.62 -1.89 -1.10
N MET A 119 5.68 -2.83 -2.04
N MET A 119 5.68 -2.83 -2.03
CA MET A 119 6.44 -4.05 -1.81
CA MET A 119 6.42 -4.07 -1.80
C MET A 119 7.78 -4.01 -2.54
C MET A 119 7.77 -4.04 -2.54
N PRO A 120 8.90 -4.25 -1.82
CA PRO A 120 10.20 -4.23 -2.50
C PRO A 120 10.37 -5.44 -3.41
N SER A 121 11.34 -5.34 -4.30
CA SER A 121 11.78 -6.40 -5.18
C SER A 121 12.16 -7.61 -4.28
N LYS A 122 12.06 -8.83 -4.82
CA LYS A 122 12.50 -10.05 -4.11
C LYS A 122 13.97 -9.87 -3.67
N GLU A 123 14.78 -9.21 -4.54
CA GLU A 123 16.20 -8.95 -4.33
C GLU A 123 16.51 -8.31 -2.98
N TRP A 124 15.66 -7.36 -2.55
CA TRP A 124 15.84 -6.59 -1.31
C TRP A 124 14.87 -6.94 -0.17
N SER A 125 14.08 -8.00 -0.33
CA SER A 125 13.05 -8.43 0.62
C SER A 125 13.55 -8.97 1.96
N PHE A 126 14.86 -9.23 2.07
CA PHE A 126 15.44 -9.82 3.30
C PHE A 126 16.55 -8.96 3.89
N ILE A 127 16.68 -7.72 3.43
CA ILE A 127 17.73 -6.84 3.95
C ILE A 127 17.15 -5.70 4.80
N SER A 128 17.98 -5.10 5.63
CA SER A 128 17.60 -3.95 6.45
C SER A 128 18.85 -3.18 6.76
N SER A 129 18.73 -1.90 7.14
CA SER A 129 19.91 -1.12 7.54
C SER A 129 20.67 -1.82 8.67
N SER A 130 19.91 -2.34 9.68
N SER A 130 19.93 -2.34 9.69
CA SER A 130 20.46 -3.05 10.85
CA SER A 130 20.51 -3.04 10.83
C SER A 130 21.33 -4.24 10.43
C SER A 130 21.35 -4.25 10.43
N LEU A 131 20.82 -5.09 9.54
CA LEU A 131 21.51 -6.28 9.05
C LEU A 131 22.78 -5.92 8.29
N VAL A 132 22.71 -4.91 7.42
CA VAL A 132 23.86 -4.46 6.63
C VAL A 132 24.96 -3.94 7.57
N LYS A 133 24.59 -3.14 8.58
CA LYS A 133 25.58 -2.62 9.56
C LYS A 133 26.25 -3.76 10.36
N GLU A 134 25.45 -4.77 10.77
CA GLU A 134 25.95 -5.94 11.52
C GLU A 134 27.00 -6.69 10.70
N VAL A 135 26.70 -6.96 9.41
CA VAL A 135 27.65 -7.63 8.51
C VAL A 135 28.92 -6.76 8.34
N ALA A 136 28.74 -5.45 8.05
CA ALA A 136 29.87 -4.53 7.87
C ALA A 136 30.74 -4.38 9.12
N ARG A 137 30.14 -4.47 10.34
CA ARG A 137 30.89 -4.40 11.60
C ARG A 137 31.85 -5.59 11.69
N HIS A 138 31.52 -6.71 11.04
CA HIS A 138 32.37 -7.92 11.04
C HIS A 138 33.11 -8.05 9.73
N GLN A 139 33.25 -6.92 9.00
CA GLN A 139 34.02 -6.80 7.75
C GLN A 139 33.49 -7.66 6.59
N GLY A 140 32.21 -8.04 6.65
CA GLY A 140 31.58 -8.82 5.59
C GLY A 140 31.22 -7.93 4.41
N ASP A 141 31.26 -8.48 3.20
CA ASP A 141 31.01 -7.72 1.97
C ASP A 141 29.53 -7.30 1.85
N VAL A 142 29.27 -5.99 1.86
CA VAL A 142 27.92 -5.43 1.74
C VAL A 142 27.78 -4.59 0.47
N THR A 143 28.74 -4.69 -0.47
CA THR A 143 28.71 -3.88 -1.70
C THR A 143 27.42 -4.09 -2.49
N HIS A 144 26.90 -5.32 -2.51
CA HIS A 144 25.68 -5.64 -3.23
C HIS A 144 24.40 -4.90 -2.76
N PHE A 145 24.35 -4.53 -1.48
CA PHE A 145 23.16 -4.00 -0.81
C PHE A 145 23.06 -2.50 -0.70
N LEU A 146 24.12 -1.78 -1.06
CA LEU A 146 24.16 -0.34 -0.88
C LEU A 146 24.58 0.40 -2.10
N PRO A 147 24.10 1.66 -2.27
CA PRO A 147 24.65 2.50 -3.35
C PRO A 147 26.15 2.69 -3.09
N GLU A 148 26.95 2.93 -4.15
CA GLU A 148 28.40 3.07 -4.02
C GLU A 148 28.84 4.07 -2.95
N ASN A 149 28.29 5.31 -2.97
CA ASN A 149 28.62 6.37 -2.02
C ASN A 149 28.35 5.96 -0.57
N VAL A 150 27.26 5.21 -0.33
CA VAL A 150 26.88 4.72 1.00
C VAL A 150 27.87 3.66 1.45
N HIS A 151 28.20 2.72 0.54
CA HIS A 151 29.16 1.66 0.85
C HIS A 151 30.51 2.28 1.32
N GLN A 152 31.06 3.23 0.52
CA GLN A 152 32.30 3.97 0.84
C GLN A 152 32.19 4.62 2.21
N ALA A 153 31.06 5.33 2.47
CA ALA A 153 30.81 6.01 3.74
C ALA A 153 30.72 5.06 4.91
N LEU A 154 30.12 3.88 4.72
CA LEU A 154 30.02 2.85 5.76
C LEU A 154 31.40 2.26 6.06
N MET A 155 32.22 1.98 5.00
CA MET A 155 33.60 1.49 5.11
C MET A 155 34.42 2.51 5.90
N ALA A 156 34.31 3.80 5.51
CA ALA A 156 35.03 4.94 6.11
C ALA A 156 34.63 5.16 7.57
N LYS A 157 33.33 5.04 7.88
CA LYS A 157 32.77 5.19 9.22
C LYS A 157 33.31 4.09 10.13
N LEU A 158 33.30 2.83 9.64
CA LEU A 158 33.83 1.70 10.39
C LEU A 158 35.32 1.62 10.18
N MET B 1 0.70 13.65 -13.42
CA MET B 1 0.42 12.25 -13.71
C MET B 1 -1.09 11.94 -13.64
N GLN B 2 -1.63 11.38 -14.74
CA GLN B 2 -3.03 10.96 -14.95
C GLN B 2 -3.15 9.44 -14.71
N LYS B 3 -2.93 9.04 -13.44
CA LYS B 3 -2.89 7.65 -13.02
C LYS B 3 -4.24 6.93 -13.06
N ARG B 4 -4.25 5.71 -13.63
CA ARG B 4 -5.42 4.84 -13.64
C ARG B 4 -5.11 3.68 -12.70
N ALA B 5 -5.99 3.48 -11.71
CA ALA B 5 -5.80 2.42 -10.73
C ALA B 5 -6.92 1.41 -10.85
N ILE B 6 -6.62 0.16 -10.58
CA ILE B 6 -7.60 -0.93 -10.55
C ILE B 6 -7.71 -1.45 -9.10
N TYR B 7 -8.92 -1.77 -8.66
CA TYR B 7 -9.20 -2.32 -7.34
C TYR B 7 -10.02 -3.60 -7.57
N PRO B 8 -9.32 -4.72 -7.77
CA PRO B 8 -10.03 -5.97 -8.10
C PRO B 8 -10.43 -6.78 -6.89
N GLY B 9 -11.42 -7.65 -7.08
CA GLY B 9 -11.91 -8.49 -6.02
C GLY B 9 -13.14 -9.21 -6.48
N THR B 10 -13.70 -10.03 -5.60
CA THR B 10 -14.92 -10.74 -5.92
C THR B 10 -16.13 -9.91 -5.50
N PHE B 11 -15.98 -9.01 -4.47
CA PHE B 11 -17.03 -8.13 -3.93
C PHE B 11 -18.37 -8.90 -3.86
N ASP B 12 -18.35 -10.00 -3.10
CA ASP B 12 -19.48 -10.91 -2.98
C ASP B 12 -20.09 -10.98 -1.55
N PRO B 13 -20.81 -9.95 -1.07
CA PRO B 13 -21.12 -8.66 -1.71
C PRO B 13 -20.12 -7.58 -1.32
N ILE B 14 -20.25 -6.39 -1.93
CA ILE B 14 -19.41 -5.25 -1.56
C ILE B 14 -19.75 -4.84 -0.10
N THR B 15 -18.73 -4.57 0.73
CA THR B 15 -18.96 -4.19 2.13
C THR B 15 -18.52 -2.75 2.39
N ASN B 16 -18.75 -2.25 3.62
CA ASN B 16 -18.28 -0.93 4.05
C ASN B 16 -16.76 -0.89 4.05
N GLY B 17 -16.11 -2.04 4.28
CA GLY B 17 -14.64 -2.18 4.21
C GLY B 17 -14.16 -1.88 2.79
N HIS B 18 -14.82 -2.46 1.77
CA HIS B 18 -14.48 -2.20 0.35
C HIS B 18 -14.75 -0.73 -0.02
N ILE B 19 -15.88 -0.16 0.45
CA ILE B 19 -16.25 1.25 0.23
C ILE B 19 -15.16 2.15 0.81
N ASP B 20 -14.70 1.85 2.03
CA ASP B 20 -13.66 2.62 2.69
C ASP B 20 -12.37 2.59 1.83
N ILE B 21 -11.95 1.41 1.36
CA ILE B 21 -10.75 1.27 0.51
C ILE B 21 -10.88 2.03 -0.80
N VAL B 22 -11.99 1.80 -1.54
CA VAL B 22 -12.18 2.48 -2.83
C VAL B 22 -12.25 4.01 -2.66
N THR B 23 -12.81 4.49 -1.53
CA THR B 23 -12.90 5.93 -1.25
C THR B 23 -11.50 6.54 -1.08
N ARG B 24 -10.66 5.87 -0.30
CA ARG B 24 -9.26 6.28 -0.07
C ARG B 24 -8.50 6.29 -1.40
N ALA B 25 -8.72 5.27 -2.26
CA ALA B 25 -8.06 5.17 -3.57
C ALA B 25 -8.45 6.37 -4.47
N THR B 26 -9.73 6.79 -4.44
CA THR B 26 -10.18 7.96 -5.24
C THR B 26 -9.56 9.29 -4.79
N GLN B 27 -9.11 9.36 -3.54
CA GLN B 27 -8.50 10.57 -3.01
C GLN B 27 -7.04 10.67 -3.45
N MET B 28 -6.45 9.56 -3.93
CA MET B 28 -5.07 9.68 -4.36
C MET B 28 -4.83 9.39 -5.85
N PHE B 29 -5.77 8.72 -6.54
CA PHE B 29 -5.61 8.43 -7.97
C PHE B 29 -6.75 9.07 -8.76
N ASP B 30 -6.45 9.55 -9.99
CA ASP B 30 -7.41 10.24 -10.87
C ASP B 30 -8.59 9.38 -11.30
N HIS B 31 -8.34 8.12 -11.66
CA HIS B 31 -9.42 7.21 -12.07
C HIS B 31 -9.23 5.87 -11.43
N VAL B 32 -10.29 5.33 -10.81
CA VAL B 32 -10.27 4.06 -10.12
C VAL B 32 -11.31 3.14 -10.76
N ILE B 33 -10.85 1.99 -11.23
CA ILE B 33 -11.72 0.97 -11.76
C ILE B 33 -11.93 -0.06 -10.62
N LEU B 34 -13.17 -0.21 -10.16
CA LEU B 34 -13.52 -1.22 -9.17
C LEU B 34 -13.88 -2.43 -10.07
N ALA B 35 -12.97 -3.41 -10.11
CA ALA B 35 -13.04 -4.53 -11.04
C ALA B 35 -13.50 -5.77 -10.34
N ILE B 36 -14.68 -6.28 -10.75
CA ILE B 36 -15.34 -7.43 -10.14
C ILE B 36 -15.07 -8.69 -10.93
N ALA B 37 -14.46 -9.67 -10.26
CA ALA B 37 -14.11 -10.94 -10.88
C ALA B 37 -15.32 -11.85 -11.05
N ALA B 38 -15.39 -12.61 -12.14
CA ALA B 38 -16.46 -13.60 -12.31
C ALA B 38 -16.38 -14.58 -11.10
N SER B 39 -15.12 -14.91 -10.68
CA SER B 39 -14.75 -15.80 -9.56
C SER B 39 -15.59 -17.06 -9.53
N PRO B 40 -15.58 -17.86 -10.62
CA PRO B 40 -16.43 -19.07 -10.66
C PRO B 40 -16.01 -20.16 -9.68
N SER B 41 -14.69 -20.24 -9.38
CA SER B 41 -14.07 -21.24 -8.50
C SER B 41 -14.67 -21.25 -7.09
N LYS B 42 -14.98 -20.06 -6.54
CA LYS B 42 -15.55 -19.90 -5.21
C LYS B 42 -17.04 -20.19 -5.15
N LYS B 43 -17.76 -20.06 -6.29
CA LYS B 43 -19.23 -20.20 -6.43
C LYS B 43 -19.87 -19.08 -5.58
N PRO B 44 -19.97 -17.86 -6.16
CA PRO B 44 -20.43 -16.70 -5.36
C PRO B 44 -21.89 -16.69 -4.98
N MET B 45 -22.22 -16.07 -3.83
CA MET B 45 -23.59 -15.91 -3.35
C MET B 45 -24.40 -15.06 -4.34
N PHE B 46 -23.83 -13.96 -4.81
CA PHE B 46 -24.45 -13.08 -5.78
C PHE B 46 -23.84 -13.30 -7.17
N THR B 47 -24.66 -13.21 -8.23
CA THR B 47 -24.21 -13.34 -9.62
C THR B 47 -23.35 -12.11 -9.95
N LEU B 48 -22.56 -12.17 -11.02
CA LEU B 48 -21.75 -11.02 -11.45
C LEU B 48 -22.61 -9.74 -11.70
N GLU B 49 -23.75 -9.90 -12.38
CA GLU B 49 -24.69 -8.80 -12.67
C GLU B 49 -25.20 -8.16 -11.37
N GLU B 50 -25.56 -8.98 -10.36
CA GLU B 50 -25.98 -8.50 -9.04
C GLU B 50 -24.84 -7.78 -8.35
N ARG B 51 -23.62 -8.38 -8.35
CA ARG B 51 -22.43 -7.77 -7.70
C ARG B 51 -22.07 -6.42 -8.31
N VAL B 52 -22.12 -6.33 -9.65
CA VAL B 52 -21.84 -5.07 -10.38
C VAL B 52 -22.88 -3.98 -10.03
N ALA B 53 -24.18 -4.32 -10.08
CA ALA B 53 -25.23 -3.35 -9.80
C ALA B 53 -25.15 -2.86 -8.34
N LEU B 54 -24.84 -3.76 -7.40
CA LEU B 54 -24.71 -3.38 -5.98
C LEU B 54 -23.55 -2.42 -5.79
N ALA B 55 -22.42 -2.70 -6.44
CA ALA B 55 -21.22 -1.88 -6.34
C ALA B 55 -21.39 -0.51 -7.01
N GLN B 56 -22.08 -0.46 -8.16
CA GLN B 56 -22.36 0.79 -8.88
C GLN B 56 -23.19 1.71 -8.00
N GLN B 57 -24.27 1.18 -7.43
CA GLN B 57 -25.16 1.93 -6.54
C GLN B 57 -24.43 2.42 -5.28
N ALA B 58 -23.61 1.55 -4.66
CA ALA B 58 -22.86 1.92 -3.45
C ALA B 58 -21.71 2.90 -3.71
N THR B 59 -21.22 3.03 -4.96
CA THR B 59 -20.10 3.94 -5.28
C THR B 59 -20.50 5.12 -6.16
N ALA B 60 -21.80 5.25 -6.50
CA ALA B 60 -22.35 6.30 -7.36
C ALA B 60 -21.99 7.73 -6.95
N HIS B 61 -21.80 7.97 -5.64
CA HIS B 61 -21.43 9.27 -5.06
C HIS B 61 -19.94 9.62 -5.32
N LEU B 62 -19.13 8.62 -5.73
CA LEU B 62 -17.73 8.81 -6.06
C LEU B 62 -17.62 8.97 -7.57
N GLY B 63 -17.38 10.19 -8.02
CA GLY B 63 -17.32 10.53 -9.43
C GLY B 63 -16.25 9.86 -10.26
N ASN B 64 -15.10 9.52 -9.66
CA ASN B 64 -14.00 8.94 -10.43
C ASN B 64 -13.85 7.41 -10.24
N VAL B 65 -14.98 6.73 -10.01
CA VAL B 65 -15.04 5.27 -9.88
C VAL B 65 -15.86 4.69 -11.01
N GLU B 66 -15.30 3.68 -11.67
CA GLU B 66 -15.95 2.95 -12.75
C GLU B 66 -16.07 1.49 -12.28
N VAL B 67 -17.28 0.92 -12.20
CA VAL B 67 -17.44 -0.48 -11.77
C VAL B 67 -17.55 -1.32 -13.05
N VAL B 68 -16.67 -2.35 -13.20
N VAL B 68 -16.75 -2.37 -13.17
CA VAL B 68 -16.55 -3.21 -14.42
CA VAL B 68 -16.80 -3.25 -14.34
C VAL B 68 -16.30 -4.69 -14.02
C VAL B 68 -16.55 -4.67 -13.87
N GLY B 69 -17.00 -5.63 -14.67
CA GLY B 69 -16.81 -7.04 -14.44
C GLY B 69 -15.67 -7.54 -15.32
N PHE B 70 -14.94 -8.57 -14.88
CA PHE B 70 -13.86 -9.13 -15.70
C PHE B 70 -13.75 -10.62 -15.44
N SER B 71 -13.34 -11.37 -16.46
CA SER B 71 -13.23 -12.84 -16.36
C SER B 71 -11.80 -13.35 -16.61
N ASP B 72 -10.88 -12.46 -17.04
N ASP B 72 -10.89 -12.46 -17.01
CA ASP B 72 -9.48 -12.82 -17.29
CA ASP B 72 -9.50 -12.85 -17.24
C ASP B 72 -8.66 -12.75 -16.00
C ASP B 72 -8.67 -12.76 -15.97
N LEU B 73 -7.36 -13.04 -16.12
CA LEU B 73 -6.37 -12.93 -15.06
C LEU B 73 -6.40 -11.44 -14.75
N MET B 74 -6.36 -11.05 -13.44
N MET B 74 -6.47 -11.10 -13.51
CA MET B 74 -6.43 -9.65 -12.96
CA MET B 74 -6.57 -9.71 -13.19
C MET B 74 -5.32 -8.74 -13.53
C MET B 74 -5.47 -8.88 -13.91
N ALA B 75 -4.18 -9.34 -13.91
CA ALA B 75 -3.07 -8.63 -14.55
C ALA B 75 -3.40 -8.37 -16.05
N ASN B 76 -4.02 -9.36 -16.74
CA ASN B 76 -4.41 -9.23 -18.16
C ASN B 76 -5.43 -8.10 -18.30
N PHE B 77 -6.41 -8.03 -17.37
CA PHE B 77 -7.42 -6.98 -17.38
C PHE B 77 -6.79 -5.60 -17.07
N ALA B 78 -5.93 -5.51 -16.04
CA ALA B 78 -5.23 -4.26 -15.70
C ALA B 78 -4.45 -3.73 -16.92
N ARG B 79 -3.73 -4.63 -17.64
CA ARG B 79 -2.96 -4.28 -18.83
C ARG B 79 -3.88 -3.69 -19.91
N ASN B 80 -5.00 -4.36 -20.20
CA ASN B 80 -5.96 -3.89 -21.22
C ASN B 80 -6.65 -2.59 -20.86
N GLN B 81 -6.76 -2.31 -19.55
CA GLN B 81 -7.38 -1.10 -19.05
C GLN B 81 -6.36 0.03 -18.87
N HIS B 82 -5.08 -0.21 -19.22
CA HIS B 82 -4.03 0.78 -19.09
C HIS B 82 -3.91 1.25 -17.61
N ALA B 83 -4.08 0.32 -16.67
CA ALA B 83 -3.92 0.71 -15.26
C ALA B 83 -2.44 0.50 -14.91
N THR B 84 -1.87 1.36 -14.06
CA THR B 84 -0.47 1.22 -13.62
C THR B 84 -0.40 1.04 -12.10
N VAL B 85 -1.56 1.05 -11.46
CA VAL B 85 -1.67 0.91 -10.01
C VAL B 85 -2.72 -0.16 -9.72
N LEU B 86 -2.35 -1.10 -8.84
CA LEU B 86 -3.22 -2.16 -8.37
C LEU B 86 -3.49 -2.00 -6.87
N ILE B 87 -4.73 -1.65 -6.53
CA ILE B 87 -5.14 -1.39 -5.14
C ILE B 87 -5.44 -2.70 -4.45
N ARG B 88 -4.82 -2.89 -3.27
CA ARG B 88 -5.15 -4.03 -2.41
C ARG B 88 -5.44 -3.46 -1.05
N GLY B 89 -6.55 -3.91 -0.45
CA GLY B 89 -6.89 -3.53 0.92
C GLY B 89 -6.16 -4.45 1.86
N LEU B 90 -5.53 -3.89 2.91
CA LEU B 90 -4.82 -4.67 3.92
C LEU B 90 -5.47 -4.52 5.27
N ARG B 91 -6.34 -5.46 5.64
CA ARG B 91 -7.00 -5.44 6.95
C ARG B 91 -6.02 -5.96 8.01
N ALA B 92 -6.33 -5.71 9.29
CA ALA B 92 -5.54 -6.18 10.43
C ALA B 92 -5.50 -7.72 10.46
N VAL B 93 -6.46 -8.34 9.76
CA VAL B 93 -6.67 -9.78 9.68
C VAL B 93 -6.39 -10.37 8.28
N ALA B 94 -5.64 -9.64 7.43
CA ALA B 94 -5.30 -10.11 6.08
C ALA B 94 -4.21 -11.19 6.13
N ASP B 95 -4.19 -12.06 5.10
CA ASP B 95 -3.20 -13.12 4.97
C ASP B 95 -2.04 -12.40 4.28
N PHE B 96 -1.10 -11.90 5.08
CA PHE B 96 0.04 -11.10 4.60
C PHE B 96 0.91 -11.86 3.60
N GLU B 97 1.17 -13.13 3.89
CA GLU B 97 1.97 -13.99 3.03
C GLU B 97 1.29 -14.15 1.67
N TYR B 98 -0.05 -14.34 1.66
CA TYR B 98 -0.78 -14.47 0.41
C TYR B 98 -0.71 -13.20 -0.42
N GLU B 99 -0.83 -12.02 0.24
CA GLU B 99 -0.74 -10.73 -0.44
C GLU B 99 0.61 -10.55 -1.11
N MET B 100 1.69 -11.01 -0.45
N MET B 100 1.69 -11.00 -0.45
CA MET B 100 3.05 -10.96 -0.96
CA MET B 100 3.04 -10.92 -0.99
C MET B 100 3.17 -11.86 -2.18
C MET B 100 3.23 -11.88 -2.17
N GLN B 101 2.62 -13.09 -2.10
CA GLN B 101 2.65 -14.06 -3.23
C GLN B 101 1.97 -13.44 -4.43
N LEU B 102 0.77 -12.87 -4.20
CA LEU B 102 -0.05 -12.26 -5.24
C LEU B 102 0.66 -11.07 -5.88
N ALA B 103 1.24 -10.19 -5.07
CA ALA B 103 1.92 -9.00 -5.58
C ALA B 103 3.17 -9.36 -6.38
N HIS B 104 3.96 -10.36 -5.92
CA HIS B 104 5.11 -10.79 -6.69
C HIS B 104 4.70 -11.46 -8.02
N MET B 105 3.63 -12.26 -7.98
CA MET B 105 3.14 -12.91 -9.21
C MET B 105 2.63 -11.84 -10.20
N ASN B 106 1.83 -10.87 -9.69
CA ASN B 106 1.33 -9.75 -10.51
C ASN B 106 2.46 -8.93 -11.10
N ARG B 107 3.56 -8.76 -10.36
CA ARG B 107 4.74 -8.03 -10.84
C ARG B 107 5.48 -8.83 -11.93
N HIS B 108 5.54 -10.18 -11.79
CA HIS B 108 6.11 -11.02 -12.82
C HIS B 108 5.27 -10.88 -14.11
N LEU B 109 3.93 -10.92 -13.97
CA LEU B 109 3.00 -10.87 -15.12
C LEU B 109 2.96 -9.52 -15.81
N MET B 110 2.99 -8.43 -15.03
CA MET B 110 2.91 -7.08 -15.56
C MET B 110 3.79 -6.19 -14.70
N PRO B 111 5.11 -6.05 -15.04
CA PRO B 111 6.02 -5.25 -14.19
C PRO B 111 5.65 -3.78 -14.02
N GLU B 112 4.98 -3.21 -15.02
CA GLU B 112 4.55 -1.80 -15.02
C GLU B 112 3.34 -1.54 -14.11
N LEU B 113 2.75 -2.61 -13.53
CA LEU B 113 1.63 -2.49 -12.62
C LEU B 113 2.14 -2.52 -11.18
N GLU B 114 1.99 -1.42 -10.46
CA GLU B 114 2.49 -1.34 -9.09
C GLU B 114 1.41 -1.71 -8.07
N SER B 115 1.66 -2.73 -7.24
CA SER B 115 0.71 -3.08 -6.17
C SER B 115 0.85 -2.07 -5.04
N VAL B 116 -0.28 -1.50 -4.60
CA VAL B 116 -0.28 -0.52 -3.51
C VAL B 116 -1.24 -1.00 -2.44
N PHE B 117 -0.79 -1.03 -1.20
CA PHE B 117 -1.63 -1.53 -0.12
C PHE B 117 -2.14 -0.37 0.68
N LEU B 118 -3.49 -0.32 0.81
CA LEU B 118 -4.21 0.69 1.58
C LEU B 118 -4.76 0.05 2.84
N MET B 119 -4.86 0.84 3.90
N MET B 119 -4.88 0.85 3.89
CA MET B 119 -5.35 0.38 5.19
CA MET B 119 -5.40 0.36 5.15
C MET B 119 -6.79 0.86 5.44
C MET B 119 -6.80 0.85 5.41
N PRO B 120 -7.76 -0.04 5.76
CA PRO B 120 -9.11 0.45 6.06
C PRO B 120 -9.15 1.07 7.45
N SER B 121 -10.25 1.74 7.74
CA SER B 121 -10.54 2.30 9.05
C SER B 121 -10.48 1.12 10.06
N LYS B 122 -10.14 1.40 11.32
CA LYS B 122 -10.13 0.39 12.39
C LYS B 122 -11.51 -0.29 12.43
N GLU B 123 -12.58 0.47 12.08
CA GLU B 123 -13.97 0.00 12.10
C GLU B 123 -14.19 -1.24 11.23
N TRP B 124 -13.49 -1.30 10.07
CA TRP B 124 -13.64 -2.40 9.11
C TRP B 124 -12.41 -3.32 9.03
N SER B 125 -11.48 -3.15 9.95
CA SER B 125 -10.22 -3.90 9.96
C SER B 125 -10.32 -5.38 10.34
N PHE B 126 -11.50 -5.83 10.80
CA PHE B 126 -11.67 -7.21 11.26
C PHE B 126 -12.79 -7.98 10.55
N ILE B 127 -13.32 -7.43 9.44
CA ILE B 127 -14.40 -8.08 8.70
C ILE B 127 -13.99 -8.55 7.32
N SER B 128 -14.82 -9.40 6.71
CA SER B 128 -14.64 -9.91 5.35
C SER B 128 -16.01 -10.22 4.80
N SER B 129 -16.14 -10.29 3.46
CA SER B 129 -17.40 -10.68 2.81
C SER B 129 -17.76 -12.09 3.30
N SER B 130 -16.72 -12.95 3.47
CA SER B 130 -16.87 -14.34 3.90
C SER B 130 -17.55 -14.43 5.26
N LEU B 131 -16.99 -13.74 6.27
CA LEU B 131 -17.55 -13.71 7.62
C LEU B 131 -18.94 -13.07 7.62
N VAL B 132 -19.12 -11.96 6.90
CA VAL B 132 -20.42 -11.29 6.79
C VAL B 132 -21.51 -12.27 6.27
N LYS B 133 -21.21 -13.00 5.18
CA LYS B 133 -22.15 -13.96 4.58
C LYS B 133 -22.50 -15.08 5.53
N GLU B 134 -21.47 -15.66 6.21
CA GLU B 134 -21.61 -16.74 7.17
C GLU B 134 -22.53 -16.32 8.32
N VAL B 135 -22.29 -15.14 8.88
CA VAL B 135 -23.09 -14.58 9.97
C VAL B 135 -24.56 -14.38 9.51
N ALA B 136 -24.75 -13.76 8.34
CA ALA B 136 -26.10 -13.48 7.81
C ALA B 136 -26.87 -14.80 7.52
N ARG B 137 -26.18 -15.80 6.92
CA ARG B 137 -26.76 -17.13 6.63
C ARG B 137 -27.25 -17.80 7.92
N HIS B 138 -26.54 -17.54 9.03
CA HIS B 138 -26.82 -18.10 10.34
C HIS B 138 -27.64 -17.16 11.23
N GLN B 139 -28.39 -16.21 10.60
CA GLN B 139 -29.36 -15.34 11.29
C GLN B 139 -28.74 -14.32 12.25
N GLY B 140 -27.59 -13.78 11.85
CA GLY B 140 -26.90 -12.76 12.62
C GLY B 140 -27.03 -11.41 11.95
N ASP B 141 -26.97 -10.36 12.76
CA ASP B 141 -27.09 -9.00 12.29
C ASP B 141 -25.79 -8.45 11.70
N VAL B 142 -25.79 -8.21 10.37
CA VAL B 142 -24.66 -7.65 9.63
C VAL B 142 -24.93 -6.28 9.03
N THR B 143 -26.07 -5.65 9.35
CA THR B 143 -26.46 -4.33 8.79
C THR B 143 -25.33 -3.31 8.87
N HIS B 144 -24.65 -3.26 10.02
CA HIS B 144 -23.56 -2.31 10.27
C HIS B 144 -22.41 -2.41 9.24
N PHE B 145 -22.19 -3.58 8.66
CA PHE B 145 -21.04 -3.79 7.76
C PHE B 145 -21.31 -3.51 6.31
N LEU B 146 -22.57 -3.22 5.95
CA LEU B 146 -22.94 -3.11 4.55
C LEU B 146 -23.59 -1.81 4.13
N PRO B 147 -23.42 -1.42 2.85
CA PRO B 147 -24.20 -0.29 2.32
C PRO B 147 -25.68 -0.72 2.38
N GLU B 148 -26.58 0.24 2.53
CA GLU B 148 -28.01 -0.03 2.64
C GLU B 148 -28.57 -0.90 1.49
N ASN B 149 -28.17 -0.64 0.22
CA ASN B 149 -28.65 -1.41 -0.94
C ASN B 149 -28.21 -2.88 -0.84
N VAL B 150 -27.00 -3.10 -0.31
CA VAL B 150 -26.42 -4.44 -0.12
C VAL B 150 -27.19 -5.18 0.98
N HIS B 151 -27.51 -4.48 2.07
CA HIS B 151 -28.30 -5.03 3.19
C HIS B 151 -29.67 -5.51 2.66
N GLN B 152 -30.35 -4.69 1.87
CA GLN B 152 -31.64 -5.03 1.26
C GLN B 152 -31.55 -6.23 0.32
N ALA B 153 -30.51 -6.27 -0.55
CA ALA B 153 -30.27 -7.37 -1.50
C ALA B 153 -29.95 -8.67 -0.77
N LEU B 154 -29.11 -8.59 0.29
CA LEU B 154 -28.72 -9.77 1.06
C LEU B 154 -29.92 -10.38 1.80
N MET B 155 -30.77 -9.54 2.39
CA MET B 155 -32.00 -9.98 3.08
C MET B 155 -32.91 -10.73 2.07
N ALA B 156 -33.09 -10.15 0.86
CA ALA B 156 -33.88 -10.75 -0.21
C ALA B 156 -33.28 -12.09 -0.67
N LYS B 157 -31.93 -12.15 -0.77
CA LYS B 157 -31.24 -13.36 -1.21
C LYS B 157 -31.45 -14.51 -0.19
N LEU B 158 -31.25 -14.21 1.09
CA LEU B 158 -31.41 -15.19 2.17
C LEU B 158 -32.84 -15.60 2.45
N ALA B 159 -33.81 -14.75 2.10
CA ALA B 159 -35.25 -15.05 2.30
C ALA B 159 -35.70 -16.23 1.42
N VAL B 160 -35.13 -16.36 0.22
CA VAL B 160 -35.46 -17.46 -0.72
C VAL B 160 -34.52 -18.66 -0.57
C1 EX7 C . 3.12 9.17 14.38
C2 EX7 C . 3.50 8.10 15.18
C3 EX7 C . 4.80 8.03 15.68
C11 EX7 C . 11.07 7.44 12.67
C12 EX7 C . 10.31 8.29 11.88
C13 EX7 C . 9.80 9.47 12.35
C14 EX7 C . 5.36 10.06 14.50
CL EX7 C . 10.00 7.84 10.22
C8 EX7 C . 10.05 9.86 13.67
C9 EX7 C . 10.84 9.03 14.48
C10 EX7 C . 11.33 7.82 13.98
C7 EX7 C . 9.55 11.18 14.18
C6 EX7 C . 8.68 11.10 15.41
C5 EX7 C . 7.36 10.47 15.17
N1 EX7 C . 6.41 10.97 14.42
C4 EX7 C . 5.71 9.02 15.32
N EX7 C . 6.99 9.30 15.75
C EX7 C . 4.03 10.16 14.03
O EX7 C . 3.63 11.18 13.22
S SO4 D . 10.62 -8.50 -8.23
O1 SO4 D . 9.70 -8.24 -7.15
O2 SO4 D . 11.65 -9.37 -7.71
O3 SO4 D . 9.96 -9.10 -9.38
O4 SO4 D . 11.26 -7.34 -8.74
S SO4 E . 15.17 -0.54 7.30
O1 SO4 E . 14.31 -1.65 7.64
O2 SO4 E . 15.88 -0.10 8.48
O3 SO4 E . 16.12 -0.95 6.28
O4 SO4 E . 14.33 0.57 6.83
S SO4 F . 12.81 9.84 18.63
O1 SO4 F . 13.18 10.60 19.81
O2 SO4 F . 11.58 9.10 18.86
O3 SO4 F . 13.91 8.93 18.31
O4 SO4 F . 12.66 10.72 17.49
S SO4 G . 12.03 3.65 10.62
O1 SO4 G . 11.43 2.32 10.78
O2 SO4 G . 12.99 3.85 11.70
O3 SO4 G . 10.98 4.67 10.70
O4 SO4 G . 12.68 3.79 9.35
C1 EX7 H . -2.15 -13.02 -10.53
C2 EX7 H . -2.14 -14.11 -9.68
C3 EX7 H . -3.32 -14.79 -9.38
C11 EX7 H . -10.16 -12.90 -7.75
C12 EX7 H . -9.68 -11.93 -8.63
C13 EX7 H . -9.24 -12.26 -9.89
C14 EX7 H . -4.58 -13.21 -10.73
CL EX7 H . -9.67 -10.27 -8.12
C8 EX7 H . -9.23 -13.58 -10.31
C9 EX7 H . -9.73 -14.56 -9.44
C10 EX7 H . -10.18 -14.22 -8.17
C7 EX7 H . -8.76 -13.93 -11.71
C6 EX7 H . -7.59 -14.90 -11.78
C5 EX7 H . -6.34 -14.38 -11.16
N1 EX7 H . -5.77 -13.23 -11.47
C4 EX7 H . -4.52 -14.35 -9.92
N EX7 H . -5.64 -15.10 -10.25
C EX7 H . -3.35 -12.56 -11.08
O EX7 H . -3.32 -11.50 -11.93
S SO4 I . -9.37 4.97 11.44
O1 SO4 I . -10.07 4.19 12.45
O2 SO4 I . -8.81 6.20 11.93
O3 SO4 I . -8.37 4.15 10.81
O4 SO4 I . -10.41 5.38 10.50
S SO4 J . -12.81 -9.34 1.50
O1 SO4 J . -14.07 -8.83 2.04
O2 SO4 J . -12.16 -10.21 2.49
O3 SO4 J . -11.93 -8.21 1.19
O4 SO4 J . -13.07 -10.09 0.26
#